data_3KPZ
#
_entry.id   3KPZ
#
_cell.length_a   44.887
_cell.length_b   51.892
_cell.length_c   132.204
_cell.angle_alpha   90.00
_cell.angle_beta   90.00
_cell.angle_gamma   90.00
#
_symmetry.space_group_name_H-M   'P 21 21 21'
#
loop_
_entity.id
_entity.type
_entity.pdbx_description
1 polymer 'Vitamin D3 receptor'
2 non-polymer (1R,3S,5Z)-5-[(2E)-2-{(1R,3aS,7aR)-1-[(1R,5S)-5-hydroxy-1-methyl-5-(1,3-thiazol-2-yl)pentyl]-7a-methyloctahydro-4H-inden-4-ylidene}ethylidene]-4-methylidenecyclohexane-1,3-diol
3 water water
#
_entity_poly.entity_id   1
_entity_poly.type   'polypeptide(L)'
_entity_poly.pdbx_seq_one_letter_code
;DSLRPKLSEEQQRIIAILLDAHHKTYDPTYSDFCQFRPPVRVNDGGGSVTLELSQLSMLPHLADLVSYSIQKVIGFAKMI
PGFRDLTSEDQIVLLKSSAIEVIMLRSNESFTMDDMSWTCGNQDYKYRVSDVTKAGHSLELIEPLIKFQVGLKKLNLHEE
EHVLLMAICIVSPDRPGVQDAALIEAIQDRLSNTLQTYIRCRHPPPGSHLLYAKMIQKLADLRSLNEEHSKQYRCLSFQP
ECSMKLTPLVLEVFGNEIS
;
_entity_poly.pdbx_strand_id   A
#
loop_
_chem_comp.id
_chem_comp.type
_chem_comp.name
_chem_comp.formula
ZNE non-polymer (1R,3S,5Z)-5-[(2E)-2-{(1R,3aS,7aR)-1-[(1R,5S)-5-hydroxy-1-methyl-5-(1,3-thiazol-2-yl)pentyl]-7a-methyloctahydro-4H-inden-4-ylidene}ethylidene]-4-methylidenecyclohexane-1,3-diol 'C28 H41 N O3 S'
#
# COMPACT_ATOMS: atom_id res chain seq x y z
N LEU A 3 2.75 -28.32 -15.99
CA LEU A 3 4.22 -28.21 -15.74
C LEU A 3 4.54 -27.32 -14.55
N ARG A 4 5.55 -27.72 -13.79
CA ARG A 4 5.98 -26.97 -12.62
C ARG A 4 7.48 -26.74 -12.65
N PRO A 5 7.93 -25.84 -13.53
CA PRO A 5 9.36 -25.56 -13.61
C PRO A 5 9.87 -25.04 -12.28
N LYS A 6 11.10 -25.41 -11.94
CA LYS A 6 11.69 -24.97 -10.70
C LYS A 6 12.13 -23.52 -10.81
N LEU A 7 12.31 -22.88 -9.66
CA LEU A 7 12.75 -21.50 -9.63
C LEU A 7 14.20 -21.45 -10.07
N SER A 8 14.50 -20.56 -11.01
CA SER A 8 15.86 -20.42 -11.50
C SER A 8 16.70 -19.75 -10.41
N GLU A 9 18.02 -19.79 -10.56
CA GLU A 9 18.89 -19.16 -9.58
C GLU A 9 18.57 -17.67 -9.48
N GLU A 10 18.28 -17.05 -10.61
CA GLU A 10 17.95 -15.63 -10.63
C GLU A 10 16.64 -15.35 -9.88
N GLN A 11 15.63 -16.17 -10.14
CA GLN A 11 14.35 -16.01 -9.48
C GLN A 11 14.48 -16.18 -7.96
N GLN A 12 15.38 -17.07 -7.53
CA GLN A 12 15.59 -17.25 -6.11
C GLN A 12 16.24 -16.00 -5.53
N ARG A 13 17.18 -15.45 -6.28
CA ARG A 13 17.89 -14.24 -5.85
C ARG A 13 16.91 -13.08 -5.75
N ILE A 14 16.03 -12.94 -6.74
CA ILE A 14 15.05 -11.86 -6.72
C ILE A 14 14.17 -11.95 -5.49
N ILE A 15 13.70 -13.15 -5.18
CA ILE A 15 12.85 -13.35 -4.01
C ILE A 15 13.60 -13.01 -2.71
N ALA A 16 14.85 -13.42 -2.62
CA ALA A 16 15.66 -13.15 -1.43
C ALA A 16 15.86 -11.64 -1.29
N ILE A 17 16.11 -10.98 -2.41
CA ILE A 17 16.32 -9.54 -2.42
C ILE A 17 15.08 -8.78 -1.94
N LEU A 18 13.91 -9.17 -2.45
CA LEU A 18 12.66 -8.53 -2.06
C LEU A 18 12.30 -8.77 -0.61
N LEU A 19 12.53 -9.99 -0.12
CA LEU A 19 12.25 -10.31 1.29
C LEU A 19 13.13 -9.45 2.19
N ASP A 20 14.41 -9.36 1.84
CA ASP A 20 15.35 -8.57 2.62
C ASP A 20 14.95 -7.10 2.59
N ALA A 21 14.54 -6.63 1.42
CA ALA A 21 14.12 -5.24 1.25
C ALA A 21 12.91 -4.95 2.13
N HIS A 22 11.95 -5.87 2.17
CA HIS A 22 10.77 -5.67 3.00
C HIS A 22 11.13 -5.68 4.49
N HIS A 23 12.00 -6.61 4.88
CA HIS A 23 12.40 -6.70 6.29
C HIS A 23 13.12 -5.45 6.79
N LYS A 24 13.81 -4.77 5.88
CA LYS A 24 14.52 -3.55 6.23
C LYS A 24 13.62 -2.30 6.22
N THR A 25 12.48 -2.40 5.54
CA THR A 25 11.60 -1.25 5.43
C THR A 25 10.22 -1.35 6.09
N TYR A 26 9.94 -2.49 6.72
CA TYR A 26 8.67 -2.68 7.41
C TYR A 26 8.95 -3.19 8.82
N ASP A 27 8.76 -2.31 9.80
CA ASP A 27 8.97 -2.65 11.20
C ASP A 27 7.68 -3.25 11.77
N PRO A 28 7.66 -4.57 11.98
CA PRO A 28 6.49 -5.27 12.52
C PRO A 28 6.11 -4.90 13.95
N THR A 29 6.94 -4.11 14.62
CA THR A 29 6.65 -3.67 15.98
C THR A 29 6.08 -2.26 16.00
N TYR A 30 6.15 -1.58 14.85
CA TYR A 30 5.61 -0.22 14.75
C TYR A 30 6.19 0.70 15.83
N SER A 31 7.45 0.49 16.16
CA SER A 31 8.13 1.26 17.21
C SER A 31 8.35 2.76 16.94
N ASP A 32 8.25 3.19 15.69
CA ASP A 32 8.43 4.61 15.38
C ASP A 32 7.15 5.45 15.49
N PHE A 33 6.01 4.78 15.55
CA PHE A 33 4.72 5.48 15.59
C PHE A 33 4.53 6.51 16.70
N CYS A 34 5.20 6.35 17.83
CA CYS A 34 5.05 7.31 18.90
C CYS A 34 5.72 8.64 18.55
N GLN A 35 6.50 8.64 17.47
CA GLN A 35 7.18 9.85 17.02
C GLN A 35 6.25 10.75 16.18
N PHE A 36 5.17 10.18 15.68
CA PHE A 36 4.22 10.93 14.86
C PHE A 36 3.44 11.90 15.73
N ARG A 37 2.79 12.87 15.10
CA ARG A 37 1.95 13.79 15.86
C ARG A 37 0.91 12.85 16.47
N PRO A 38 0.52 13.09 17.72
CA PRO A 38 -0.45 12.25 18.42
C PRO A 38 -1.82 12.09 17.78
N PRO A 39 -2.39 10.88 17.87
CA PRO A 39 -3.71 10.69 17.30
C PRO A 39 -4.70 11.36 18.25
N VAL A 40 -5.75 11.97 17.70
CA VAL A 40 -6.77 12.61 18.52
C VAL A 40 -8.11 12.07 18.04
N ARG A 41 -8.92 11.59 18.96
CA ARG A 41 -10.22 11.02 18.61
C ARG A 41 -11.35 11.75 19.31
N VAL A 42 -12.00 12.64 18.57
CA VAL A 42 -13.11 13.43 19.11
C VAL A 42 -14.44 12.68 19.02
N ASN A 43 -15.39 13.06 19.87
CA ASN A 43 -16.70 12.43 19.88
C ASN A 43 -17.43 12.69 18.57
N ASP A 44 -17.83 11.63 17.88
CA ASP A 44 -18.54 11.78 16.62
C ASP A 44 -19.30 10.52 16.23
N GLY A 45 -20.03 9.95 17.20
CA GLY A 45 -20.79 8.76 16.93
C GLY A 45 -21.77 8.93 15.77
N GLY A 46 -22.15 10.18 15.50
CA GLY A 46 -23.08 10.45 14.42
C GLY A 46 -22.43 10.48 13.05
N GLY A 47 -21.10 10.52 13.02
CA GLY A 47 -20.40 10.57 11.75
C GLY A 47 -20.73 11.85 11.01
N SER A 48 -20.69 12.96 11.73
CA SER A 48 -20.97 14.27 11.13
C SER A 48 -19.84 14.71 10.22
N VAL A 49 -20.15 14.93 8.95
CA VAL A 49 -19.14 15.37 8.00
C VAL A 49 -18.66 16.78 8.39
N THR A 50 -19.61 17.62 8.78
CA THR A 50 -19.30 18.99 9.18
C THR A 50 -18.30 18.99 10.32
N LEU A 51 -18.58 18.19 11.35
CA LEU A 51 -17.69 18.08 12.51
C LEU A 51 -16.34 17.49 12.09
N GLU A 52 -16.37 16.40 11.34
CA GLU A 52 -15.15 15.76 10.88
C GLU A 52 -14.24 16.74 10.13
N LEU A 53 -14.83 17.52 9.22
CA LEU A 53 -14.05 18.49 8.44
C LEU A 53 -13.59 19.68 9.29
N SER A 54 -14.40 20.08 10.27
CA SER A 54 -14.03 21.21 11.10
C SER A 54 -12.84 20.89 12.00
N GLN A 55 -12.67 19.62 12.35
CA GLN A 55 -11.57 19.23 13.22
C GLN A 55 -10.47 18.39 12.58
N LEU A 56 -10.83 17.43 11.72
CA LEU A 56 -9.85 16.56 11.09
C LEU A 56 -8.85 16.13 12.17
N SER A 57 -9.39 15.72 13.31
CA SER A 57 -8.61 15.32 14.47
C SER A 57 -7.58 14.21 14.26
N MET A 58 -7.88 13.24 13.40
CA MET A 58 -6.95 12.14 13.15
C MET A 58 -6.04 12.38 11.94
N LEU A 59 -6.27 13.46 11.20
CA LEU A 59 -5.45 13.70 10.01
C LEU A 59 -3.96 13.90 10.27
N PRO A 60 -3.59 14.70 11.28
CA PRO A 60 -2.16 14.88 11.53
C PRO A 60 -1.44 13.56 11.76
N HIS A 61 -2.03 12.70 12.60
CA HIS A 61 -1.43 11.40 12.90
C HIS A 61 -1.39 10.47 11.69
N LEU A 62 -2.51 10.35 10.99
CA LEU A 62 -2.54 9.45 9.82
C LEU A 62 -1.69 10.00 8.67
N ALA A 63 -1.64 11.33 8.54
CA ALA A 63 -0.83 11.94 7.49
C ALA A 63 0.64 11.61 7.78
N ASP A 64 1.01 11.63 9.06
CA ASP A 64 2.40 11.31 9.44
C ASP A 64 2.67 9.84 9.19
N LEU A 65 1.67 9.00 9.45
CA LEU A 65 1.83 7.55 9.23
C LEU A 65 1.98 7.26 7.75
N VAL A 66 1.14 7.88 6.93
CA VAL A 66 1.19 7.68 5.48
C VAL A 66 2.49 8.25 4.92
N SER A 67 2.89 9.41 5.42
CA SER A 67 4.14 10.03 4.93
C SER A 67 5.32 9.11 5.27
N TYR A 68 5.35 8.62 6.50
CA TYR A 68 6.40 7.70 6.97
C TYR A 68 6.41 6.48 6.06
N SER A 69 5.23 5.95 5.79
CA SER A 69 5.11 4.76 4.94
C SER A 69 5.58 4.99 3.52
N ILE A 70 5.33 6.18 2.98
CA ILE A 70 5.78 6.48 1.62
C ILE A 70 7.31 6.44 1.59
N GLN A 71 7.95 6.99 2.61
CA GLN A 71 9.41 6.99 2.66
C GLN A 71 9.90 5.54 2.64
N LYS A 72 9.21 4.66 3.37
CA LYS A 72 9.60 3.26 3.41
C LYS A 72 9.40 2.59 2.05
N VAL A 73 8.29 2.91 1.39
CA VAL A 73 8.00 2.35 0.09
C VAL A 73 9.05 2.81 -0.92
N ILE A 74 9.53 4.04 -0.77
CA ILE A 74 10.57 4.55 -1.67
C ILE A 74 11.82 3.70 -1.45
N GLY A 75 12.12 3.42 -0.18
CA GLY A 75 13.28 2.60 0.14
C GLY A 75 13.14 1.20 -0.42
N PHE A 76 11.94 0.63 -0.29
CA PHE A 76 11.66 -0.71 -0.78
C PHE A 76 11.82 -0.77 -2.31
N ALA A 77 11.23 0.22 -2.99
CA ALA A 77 11.28 0.29 -4.45
C ALA A 77 12.69 0.33 -4.99
N LYS A 78 13.56 1.11 -4.35
CA LYS A 78 14.94 1.23 -4.79
C LYS A 78 15.71 -0.08 -4.75
N MET A 79 15.18 -1.06 -4.01
CA MET A 79 15.83 -2.37 -3.90
C MET A 79 15.22 -3.43 -4.82
N ILE A 80 14.17 -3.07 -5.55
CA ILE A 80 13.56 -4.00 -6.48
C ILE A 80 14.51 -4.20 -7.65
N PRO A 81 14.90 -5.46 -7.92
CA PRO A 81 15.82 -5.75 -9.03
C PRO A 81 15.34 -5.08 -10.32
N GLY A 82 16.18 -4.20 -10.87
CA GLY A 82 15.84 -3.53 -12.11
C GLY A 82 15.34 -2.10 -11.98
N PHE A 83 14.74 -1.78 -10.84
CA PHE A 83 14.20 -0.44 -10.62
C PHE A 83 15.24 0.66 -10.87
N ARG A 84 16.47 0.43 -10.43
CA ARG A 84 17.52 1.43 -10.63
C ARG A 84 17.93 1.59 -12.09
N ASP A 85 17.54 0.64 -12.93
CA ASP A 85 17.86 0.70 -14.35
C ASP A 85 16.97 1.72 -15.05
N LEU A 86 15.85 2.05 -14.42
CA LEU A 86 14.91 3.02 -14.97
C LEU A 86 15.45 4.43 -14.82
N THR A 87 14.96 5.36 -15.63
CA THR A 87 15.38 6.75 -15.55
C THR A 87 14.80 7.32 -14.27
N SER A 88 15.46 8.33 -13.72
CA SER A 88 14.99 8.96 -12.50
C SER A 88 13.55 9.44 -12.67
N GLU A 89 13.27 10.00 -13.84
CA GLU A 89 11.92 10.49 -14.15
C GLU A 89 10.88 9.38 -14.07
N ASP A 90 11.19 8.21 -14.64
CA ASP A 90 10.26 7.09 -14.59
C ASP A 90 10.14 6.53 -13.17
N GLN A 91 11.25 6.56 -12.43
CA GLN A 91 11.23 6.06 -11.06
C GLN A 91 10.26 6.88 -10.21
N ILE A 92 10.31 8.20 -10.36
CA ILE A 92 9.43 9.09 -9.62
C ILE A 92 7.96 8.95 -10.05
N VAL A 93 7.73 8.79 -11.34
CA VAL A 93 6.36 8.64 -11.82
C VAL A 93 5.75 7.38 -11.21
N LEU A 94 6.50 6.30 -11.21
CA LEU A 94 6.02 5.03 -10.65
C LEU A 94 5.75 5.14 -9.15
N LEU A 95 6.67 5.78 -8.42
CA LEU A 95 6.50 5.92 -6.98
C LEU A 95 5.27 6.77 -6.62
N LYS A 96 5.12 7.92 -7.25
CA LYS A 96 3.99 8.78 -6.95
C LYS A 96 2.65 8.15 -7.29
N SER A 97 2.60 7.42 -8.40
CA SER A 97 1.34 6.80 -8.81
C SER A 97 0.94 5.55 -8.01
N SER A 98 1.92 4.83 -7.48
CA SER A 98 1.62 3.60 -6.73
C SER A 98 1.67 3.75 -5.21
N ALA A 99 2.24 4.86 -4.73
CA ALA A 99 2.39 5.08 -3.30
C ALA A 99 1.19 4.65 -2.44
N ILE A 100 0.02 5.23 -2.69
CA ILE A 100 -1.16 4.89 -1.90
C ILE A 100 -1.56 3.42 -1.99
N GLU A 101 -1.37 2.84 -3.17
CA GLU A 101 -1.70 1.43 -3.39
C GLU A 101 -0.79 0.50 -2.61
N VAL A 102 0.49 0.81 -2.57
CA VAL A 102 1.44 -0.03 -1.84
C VAL A 102 1.20 0.09 -0.34
N ILE A 103 0.78 1.27 0.10
CA ILE A 103 0.48 1.48 1.50
C ILE A 103 -0.69 0.58 1.88
N MET A 104 -1.72 0.56 1.04
CA MET A 104 -2.88 -0.28 1.32
C MET A 104 -2.45 -1.75 1.34
N LEU A 105 -1.58 -2.14 0.41
CA LEU A 105 -1.09 -3.53 0.38
C LEU A 105 -0.25 -3.88 1.61
N ARG A 106 0.76 -3.08 1.90
CA ARG A 106 1.62 -3.38 3.03
C ARG A 106 0.90 -3.30 4.38
N SER A 107 -0.16 -2.49 4.44
CA SER A 107 -0.94 -2.35 5.68
C SER A 107 -1.70 -3.63 6.02
N ASN A 108 -1.83 -4.54 5.05
CA ASN A 108 -2.53 -5.78 5.29
C ASN A 108 -1.84 -6.56 6.41
N GLU A 109 -0.55 -6.31 6.60
CA GLU A 109 0.21 -7.01 7.63
C GLU A 109 -0.26 -6.64 9.05
N SER A 110 -0.73 -5.40 9.24
CA SER A 110 -1.20 -4.98 10.56
C SER A 110 -2.72 -5.15 10.68
N PHE A 111 -3.40 -5.31 9.54
CA PHE A 111 -4.84 -5.50 9.56
C PHE A 111 -5.16 -6.84 10.20
N THR A 112 -6.27 -6.91 10.94
CA THR A 112 -6.66 -8.17 11.57
C THR A 112 -8.16 -8.37 11.47
N MET A 113 -8.59 -9.59 11.15
CA MET A 113 -10.00 -9.88 11.04
C MET A 113 -10.63 -10.16 12.39
N ASP A 114 -9.83 -10.09 13.45
CA ASP A 114 -10.36 -10.28 14.79
C ASP A 114 -11.45 -9.23 15.04
N ASP A 115 -11.15 -7.99 14.63
CA ASP A 115 -12.11 -6.90 14.81
C ASP A 115 -12.11 -5.91 13.64
N MET A 116 -11.53 -6.31 12.52
CA MET A 116 -11.49 -5.49 11.31
C MET A 116 -10.79 -4.15 11.50
N SER A 117 -9.60 -4.19 12.11
CA SER A 117 -8.86 -2.96 12.34
C SER A 117 -7.39 -3.19 12.01
N TRP A 118 -6.63 -2.11 11.99
CA TRP A 118 -5.21 -2.19 11.75
C TRP A 118 -4.65 -2.00 13.15
N THR A 119 -4.13 -3.07 13.72
CA THR A 119 -3.61 -3.02 15.07
C THR A 119 -2.11 -2.88 15.11
N CYS A 120 -1.64 -1.70 15.50
CA CYS A 120 -0.20 -1.44 15.55
C CYS A 120 0.28 -1.13 16.96
N GLY A 121 -0.33 -1.79 17.94
CA GLY A 121 0.09 -1.59 19.32
C GLY A 121 -1.08 -1.43 20.27
N ASN A 122 -0.87 -0.62 21.31
CA ASN A 122 -1.92 -0.38 22.29
C ASN A 122 -3.11 0.30 21.63
N GLN A 123 -4.11 0.64 22.45
CA GLN A 123 -5.31 1.29 21.95
C GLN A 123 -5.03 2.54 21.12
N ASP A 124 -4.05 3.33 21.56
CA ASP A 124 -3.70 4.56 20.84
C ASP A 124 -3.37 4.29 19.37
N TYR A 125 -2.72 3.17 19.09
CA TYR A 125 -2.34 2.85 17.73
C TYR A 125 -3.14 1.74 17.07
N LYS A 126 -4.43 1.66 17.42
CA LYS A 126 -5.33 0.69 16.81
C LYS A 126 -6.20 1.57 15.94
N TYR A 127 -6.12 1.37 14.62
CA TYR A 127 -6.88 2.19 13.69
C TYR A 127 -8.14 1.51 13.17
N ARG A 128 -9.28 2.14 13.41
CA ARG A 128 -10.58 1.61 12.98
C ARG A 128 -11.16 2.49 11.88
N VAL A 129 -12.24 2.02 11.26
CA VAL A 129 -12.90 2.78 10.21
C VAL A 129 -13.27 4.16 10.74
N SER A 130 -13.65 4.24 12.01
CA SER A 130 -14.02 5.50 12.61
C SER A 130 -12.86 6.50 12.65
N ASP A 131 -11.63 5.99 12.64
CA ASP A 131 -10.47 6.87 12.65
C ASP A 131 -10.25 7.46 11.26
N VAL A 132 -10.65 6.70 10.25
CA VAL A 132 -10.49 7.16 8.87
C VAL A 132 -11.50 8.26 8.61
N THR A 133 -12.71 8.10 9.13
CA THR A 133 -13.74 9.11 8.94
C THR A 133 -13.30 10.38 9.66
N LYS A 134 -12.66 10.22 10.82
CA LYS A 134 -12.17 11.38 11.57
C LYS A 134 -11.03 12.06 10.84
N ALA A 135 -10.54 11.43 9.77
CA ALA A 135 -9.47 12.01 8.97
C ALA A 135 -10.06 12.70 7.75
N GLY A 136 -11.40 12.74 7.68
CA GLY A 136 -12.06 13.40 6.57
C GLY A 136 -12.56 12.54 5.42
N HIS A 137 -12.46 11.23 5.52
CA HIS A 137 -12.91 10.33 4.45
C HIS A 137 -14.33 9.84 4.63
N SER A 138 -14.94 9.45 3.51
CA SER A 138 -16.30 8.95 3.52
C SER A 138 -16.30 7.44 3.28
N LEU A 139 -17.45 6.81 3.46
CA LEU A 139 -17.57 5.38 3.27
C LEU A 139 -17.30 4.92 1.83
N GLU A 140 -17.40 5.83 0.87
CA GLU A 140 -17.15 5.46 -0.52
C GLU A 140 -15.74 4.88 -0.66
N LEU A 141 -14.84 5.30 0.24
CA LEU A 141 -13.47 4.79 0.22
C LEU A 141 -13.30 3.70 1.26
N ILE A 142 -13.81 3.98 2.45
CA ILE A 142 -13.69 3.05 3.58
C ILE A 142 -14.26 1.66 3.34
N GLU A 143 -15.52 1.58 2.88
CA GLU A 143 -16.14 0.29 2.63
C GLU A 143 -15.29 -0.60 1.72
N PRO A 144 -14.94 -0.09 0.52
CA PRO A 144 -14.13 -0.85 -0.43
C PRO A 144 -12.77 -1.21 0.15
N LEU A 145 -12.24 -0.32 0.98
CA LEU A 145 -10.93 -0.54 1.60
C LEU A 145 -10.97 -1.76 2.51
N ILE A 146 -11.99 -1.82 3.37
CA ILE A 146 -12.11 -2.94 4.29
C ILE A 146 -12.37 -4.23 3.53
N LYS A 147 -13.23 -4.16 2.52
CA LYS A 147 -13.55 -5.33 1.71
C LYS A 147 -12.25 -5.83 1.07
N PHE A 148 -11.42 -4.90 0.60
CA PHE A 148 -10.15 -5.23 -0.01
C PHE A 148 -9.22 -5.92 1.01
N GLN A 149 -9.12 -5.35 2.21
CA GLN A 149 -8.27 -5.91 3.25
C GLN A 149 -8.65 -7.35 3.59
N VAL A 150 -9.95 -7.58 3.80
CA VAL A 150 -10.44 -8.92 4.12
C VAL A 150 -10.15 -9.89 2.96
N GLY A 151 -10.38 -9.41 1.75
CA GLY A 151 -10.15 -10.25 0.58
C GLY A 151 -8.70 -10.69 0.47
N LEU A 152 -7.80 -9.75 0.71
CA LEU A 152 -6.37 -10.04 0.64
C LEU A 152 -5.96 -10.96 1.78
N LYS A 153 -6.49 -10.72 2.97
CA LYS A 153 -6.18 -11.57 4.12
C LYS A 153 -6.52 -13.02 3.81
N LYS A 154 -7.65 -13.22 3.16
CA LYS A 154 -8.11 -14.56 2.83
C LYS A 154 -7.26 -15.30 1.82
N LEU A 155 -6.44 -14.58 1.06
CA LEU A 155 -5.57 -15.27 0.10
C LEU A 155 -4.47 -16.01 0.87
N ASN A 156 -4.25 -15.62 2.12
CA ASN A 156 -3.23 -16.25 2.96
C ASN A 156 -1.90 -16.31 2.20
N LEU A 157 -1.47 -15.18 1.68
CA LEU A 157 -0.23 -15.12 0.90
C LEU A 157 1.03 -15.43 1.72
N HIS A 158 1.99 -16.09 1.08
CA HIS A 158 3.25 -16.36 1.76
C HIS A 158 3.94 -14.99 1.71
N GLU A 159 4.92 -14.76 2.58
CA GLU A 159 5.58 -13.48 2.55
C GLU A 159 6.21 -13.24 1.18
N GLU A 160 6.68 -14.31 0.55
CA GLU A 160 7.29 -14.22 -0.77
C GLU A 160 6.32 -13.66 -1.81
N GLU A 161 5.07 -14.11 -1.73
CA GLU A 161 4.03 -13.65 -2.64
C GLU A 161 3.66 -12.21 -2.34
N HIS A 162 3.65 -11.88 -1.05
CA HIS A 162 3.33 -10.52 -0.60
C HIS A 162 4.31 -9.48 -1.16
N VAL A 163 5.61 -9.71 -1.00
CA VAL A 163 6.61 -8.75 -1.49
C VAL A 163 6.65 -8.67 -3.02
N LEU A 164 6.38 -9.77 -3.70
CA LEU A 164 6.36 -9.77 -5.15
C LEU A 164 5.16 -8.95 -5.64
N LEU A 165 4.03 -9.09 -4.96
CA LEU A 165 2.82 -8.35 -5.35
C LEU A 165 3.07 -6.85 -5.20
N MET A 166 3.75 -6.45 -4.13
CA MET A 166 4.04 -5.03 -3.93
C MET A 166 4.99 -4.52 -5.02
N ALA A 167 5.98 -5.34 -5.37
CA ALA A 167 6.95 -4.98 -6.39
C ALA A 167 6.27 -4.84 -7.75
N ILE A 168 5.39 -5.78 -8.06
CA ILE A 168 4.67 -5.77 -9.32
C ILE A 168 3.77 -4.54 -9.39
N CYS A 169 3.13 -4.22 -8.26
CA CYS A 169 2.26 -3.06 -8.18
C CYS A 169 3.01 -1.77 -8.55
N ILE A 170 4.24 -1.64 -8.04
CA ILE A 170 5.07 -0.46 -8.28
C ILE A 170 5.58 -0.35 -9.71
N VAL A 171 6.15 -1.43 -10.22
CA VAL A 171 6.70 -1.44 -11.56
C VAL A 171 5.64 -1.79 -12.60
N SER A 172 4.66 -0.90 -12.77
CA SER A 172 3.58 -1.10 -13.72
C SER A 172 3.80 -0.20 -14.92
N PRO A 173 3.79 -0.77 -16.12
CA PRO A 173 4.01 0.02 -17.34
C PRO A 173 2.84 0.93 -17.67
N ASP A 174 1.63 0.56 -17.22
CA ASP A 174 0.45 1.36 -17.51
C ASP A 174 0.15 2.40 -16.43
N ARG A 175 1.06 3.35 -16.27
CA ARG A 175 0.88 4.42 -15.31
C ARG A 175 0.98 5.69 -16.16
N PRO A 176 0.07 6.65 -15.94
CA PRO A 176 0.11 7.88 -16.73
C PRO A 176 1.42 8.66 -16.57
N GLY A 177 2.04 9.00 -17.69
CA GLY A 177 3.28 9.77 -17.65
C GLY A 177 4.56 8.98 -17.81
N VAL A 178 4.49 7.65 -17.78
CA VAL A 178 5.68 6.83 -17.93
C VAL A 178 6.34 7.05 -19.28
N GLN A 179 7.66 6.96 -19.31
CA GLN A 179 8.41 7.15 -20.55
C GLN A 179 8.77 5.86 -21.26
N ASP A 180 9.65 5.07 -20.65
CA ASP A 180 10.08 3.82 -21.24
C ASP A 180 9.22 2.67 -20.74
N ALA A 181 7.99 2.59 -21.24
CA ALA A 181 7.06 1.55 -20.83
C ALA A 181 7.56 0.14 -21.14
N ALA A 182 8.30 0.00 -22.24
CA ALA A 182 8.83 -1.31 -22.63
C ALA A 182 9.77 -1.86 -21.57
N LEU A 183 10.67 -1.00 -21.07
CA LEU A 183 11.63 -1.40 -20.05
C LEU A 183 10.89 -1.76 -18.77
N ILE A 184 9.91 -0.94 -18.40
CA ILE A 184 9.13 -1.18 -17.20
C ILE A 184 8.41 -2.51 -17.29
N GLU A 185 7.81 -2.79 -18.45
CA GLU A 185 7.11 -4.05 -18.64
C GLU A 185 8.06 -5.24 -18.59
N ALA A 186 9.29 -5.04 -19.06
CA ALA A 186 10.28 -6.11 -19.05
C ALA A 186 10.59 -6.46 -17.59
N ILE A 187 10.78 -5.42 -16.78
CA ILE A 187 11.08 -5.59 -15.36
C ILE A 187 9.89 -6.24 -14.66
N GLN A 188 8.69 -5.78 -14.99
CA GLN A 188 7.50 -6.33 -14.37
C GLN A 188 7.28 -7.79 -14.75
N ASP A 189 7.52 -8.12 -16.02
CA ASP A 189 7.34 -9.49 -16.49
C ASP A 189 8.28 -10.44 -15.75
N ARG A 190 9.49 -9.97 -15.48
CA ARG A 190 10.48 -10.77 -14.77
C ARG A 190 9.96 -11.08 -13.37
N LEU A 191 9.30 -10.10 -12.75
CA LEU A 191 8.73 -10.27 -11.42
C LEU A 191 7.48 -11.14 -11.47
N SER A 192 6.63 -10.91 -12.47
CA SER A 192 5.41 -11.70 -12.61
C SER A 192 5.72 -13.17 -12.85
N ASN A 193 6.71 -13.45 -13.71
CA ASN A 193 7.07 -14.82 -13.99
C ASN A 193 7.59 -15.48 -12.73
N THR A 194 8.34 -14.73 -11.92
CA THR A 194 8.87 -15.27 -10.67
C THR A 194 7.71 -15.65 -9.77
N LEU A 195 6.74 -14.76 -9.64
CA LEU A 195 5.57 -15.01 -8.81
C LEU A 195 4.77 -16.21 -9.33
N GLN A 196 4.50 -16.21 -10.63
CA GLN A 196 3.75 -17.31 -11.24
C GLN A 196 4.45 -18.64 -10.99
N THR A 197 5.76 -18.65 -11.13
CA THR A 197 6.57 -19.85 -10.92
C THR A 197 6.57 -20.25 -9.44
N TYR A 198 6.70 -19.26 -8.56
CA TYR A 198 6.71 -19.54 -7.12
C TYR A 198 5.41 -20.22 -6.69
N ILE A 199 4.28 -19.66 -7.10
CA ILE A 199 2.98 -20.21 -6.74
C ILE A 199 2.83 -21.67 -7.19
N ARG A 200 3.28 -21.96 -8.40
CA ARG A 200 3.19 -23.30 -8.97
C ARG A 200 4.01 -24.38 -8.28
N CYS A 201 5.20 -24.04 -7.79
CA CYS A 201 6.00 -25.07 -7.15
C CYS A 201 6.22 -24.90 -5.65
N ARG A 202 5.70 -23.83 -5.06
CA ARG A 202 5.88 -23.62 -3.62
C ARG A 202 4.58 -23.42 -2.85
N HIS A 203 3.50 -23.11 -3.54
CA HIS A 203 2.24 -22.89 -2.84
C HIS A 203 1.38 -24.15 -2.90
N PRO A 204 1.19 -24.81 -1.75
CA PRO A 204 0.39 -26.05 -1.66
C PRO A 204 -1.12 -25.82 -1.84
N PRO A 205 -1.84 -26.84 -2.32
CA PRO A 205 -3.28 -26.79 -2.54
C PRO A 205 -4.08 -26.88 -1.23
N PRO A 206 -5.33 -26.43 -1.24
CA PRO A 206 -6.02 -25.84 -2.40
C PRO A 206 -5.57 -24.41 -2.65
N GLY A 207 -4.95 -24.18 -3.79
CA GLY A 207 -4.48 -22.84 -4.12
C GLY A 207 -3.28 -22.87 -5.04
N SER A 208 -2.86 -24.08 -5.41
CA SER A 208 -1.71 -24.25 -6.29
C SER A 208 -1.90 -23.41 -7.54
N HIS A 209 -3.17 -23.20 -7.90
CA HIS A 209 -3.53 -22.41 -9.06
C HIS A 209 -4.61 -21.42 -8.65
N LEU A 210 -5.15 -20.68 -9.61
CA LEU A 210 -6.19 -19.69 -9.35
C LEU A 210 -5.66 -18.49 -8.56
N LEU A 211 -4.69 -18.74 -7.68
CA LEU A 211 -4.13 -17.68 -6.84
C LEU A 211 -3.54 -16.52 -7.62
N TYR A 212 -2.79 -16.80 -8.69
CA TYR A 212 -2.20 -15.72 -9.48
C TYR A 212 -3.27 -14.78 -10.01
N ALA A 213 -4.35 -15.34 -10.56
CA ALA A 213 -5.43 -14.53 -11.10
C ALA A 213 -6.05 -13.67 -10.00
N LYS A 214 -6.28 -14.26 -8.84
CA LYS A 214 -6.85 -13.53 -7.71
C LYS A 214 -5.93 -12.40 -7.29
N MET A 215 -4.62 -12.64 -7.35
CA MET A 215 -3.66 -11.62 -6.97
C MET A 215 -3.67 -10.49 -7.99
N ILE A 216 -3.80 -10.84 -9.27
CA ILE A 216 -3.83 -9.83 -10.31
C ILE A 216 -5.10 -8.99 -10.15
N GLN A 217 -6.20 -9.64 -9.76
CA GLN A 217 -7.46 -8.92 -9.58
C GLN A 217 -7.34 -7.90 -8.45
N LYS A 218 -6.56 -8.22 -7.41
CA LYS A 218 -6.38 -7.29 -6.30
C LYS A 218 -5.64 -6.05 -6.78
N LEU A 219 -4.80 -6.21 -7.79
CA LEU A 219 -4.08 -5.07 -8.33
C LEU A 219 -5.09 -4.17 -9.03
N ALA A 220 -6.11 -4.75 -9.64
CA ALA A 220 -7.14 -3.97 -10.32
C ALA A 220 -7.95 -3.20 -9.28
N ASP A 221 -8.29 -3.89 -8.20
CA ASP A 221 -9.06 -3.29 -7.10
C ASP A 221 -8.31 -2.08 -6.57
N LEU A 222 -7.00 -2.22 -6.44
CA LEU A 222 -6.13 -1.16 -5.94
C LEU A 222 -6.21 0.09 -6.81
N ARG A 223 -6.36 -0.10 -8.13
CA ARG A 223 -6.48 1.03 -9.03
C ARG A 223 -7.74 1.81 -8.73
N SER A 224 -8.82 1.11 -8.43
CA SER A 224 -10.10 1.76 -8.13
C SER A 224 -10.02 2.51 -6.81
N LEU A 225 -9.37 1.91 -5.83
CA LEU A 225 -9.22 2.55 -4.53
C LEU A 225 -8.33 3.78 -4.67
N ASN A 226 -7.33 3.68 -5.55
CA ASN A 226 -6.41 4.80 -5.80
C ASN A 226 -7.20 5.99 -6.33
N GLU A 227 -8.07 5.75 -7.31
CA GLU A 227 -8.87 6.82 -7.88
C GLU A 227 -9.84 7.40 -6.87
N GLU A 228 -10.44 6.53 -6.04
CA GLU A 228 -11.39 7.02 -5.04
C GLU A 228 -10.65 7.86 -4.00
N HIS A 229 -9.48 7.42 -3.59
CA HIS A 229 -8.71 8.18 -2.60
C HIS A 229 -8.35 9.55 -3.17
N SER A 230 -8.02 9.59 -4.46
CA SER A 230 -7.67 10.84 -5.11
C SER A 230 -8.85 11.81 -5.04
N LYS A 231 -10.05 11.33 -5.31
CA LYS A 231 -11.23 12.19 -5.26
C LYS A 231 -11.40 12.75 -3.86
N GLN A 232 -11.27 11.87 -2.87
CA GLN A 232 -11.43 12.29 -1.48
C GLN A 232 -10.36 13.31 -1.08
N TYR A 233 -9.12 13.07 -1.48
CA TYR A 233 -8.03 13.98 -1.15
C TYR A 233 -8.31 15.38 -1.68
N ARG A 234 -8.88 15.44 -2.89
CA ARG A 234 -9.21 16.73 -3.50
C ARG A 234 -10.15 17.51 -2.59
N CYS A 235 -11.19 16.84 -2.10
CA CYS A 235 -12.17 17.48 -1.20
C CYS A 235 -11.47 17.98 0.04
N LEU A 236 -10.61 17.12 0.58
CA LEU A 236 -9.85 17.44 1.79
C LEU A 236 -9.00 18.68 1.60
N SER A 237 -8.37 18.82 0.44
CA SER A 237 -7.52 19.97 0.16
C SER A 237 -8.28 21.30 0.17
N PHE A 238 -9.60 21.23 -0.03
CA PHE A 238 -10.42 22.43 -0.04
C PHE A 238 -10.63 22.97 1.37
N GLN A 239 -10.40 22.13 2.38
CA GLN A 239 -10.59 22.57 3.76
C GLN A 239 -9.48 23.53 4.18
N PRO A 240 -9.85 24.76 4.58
CA PRO A 240 -8.84 25.73 5.00
C PRO A 240 -7.92 25.19 6.10
N GLU A 241 -6.63 25.45 5.99
CA GLU A 241 -5.63 25.00 6.96
C GLU A 241 -5.30 23.51 6.87
N CYS A 242 -5.84 22.82 5.88
CA CYS A 242 -5.58 21.40 5.74
C CYS A 242 -4.09 21.09 5.50
N SER A 243 -3.45 21.91 4.67
CA SER A 243 -2.04 21.69 4.36
C SER A 243 -1.13 21.54 5.59
N MET A 244 -1.41 22.32 6.64
CA MET A 244 -0.61 22.25 7.86
C MET A 244 -0.75 20.91 8.55
N LYS A 245 -1.86 20.21 8.28
CA LYS A 245 -2.09 18.92 8.91
C LYS A 245 -1.47 17.80 8.10
N LEU A 246 -0.82 18.16 6.99
CA LEU A 246 -0.19 17.17 6.14
C LEU A 246 1.33 17.26 6.27
N THR A 247 2.04 16.82 5.23
CA THR A 247 3.49 16.88 5.21
C THR A 247 3.92 17.24 3.78
N PRO A 248 5.13 17.79 3.62
CA PRO A 248 5.58 18.14 2.27
C PRO A 248 5.55 16.96 1.29
N LEU A 249 6.00 15.80 1.75
CA LEU A 249 6.01 14.62 0.89
C LEU A 249 4.60 14.25 0.45
N VAL A 250 3.69 14.27 1.41
CA VAL A 250 2.29 13.95 1.13
C VAL A 250 1.68 14.95 0.14
N LEU A 251 1.98 16.23 0.34
CA LEU A 251 1.46 17.27 -0.54
C LEU A 251 1.90 17.05 -1.99
N GLU A 252 3.13 16.62 -2.17
CA GLU A 252 3.64 16.39 -3.52
C GLU A 252 3.01 15.15 -4.16
N VAL A 253 3.00 14.06 -3.42
CA VAL A 253 2.46 12.81 -3.94
C VAL A 253 0.99 12.85 -4.32
N PHE A 254 0.15 13.46 -3.49
CA PHE A 254 -1.27 13.51 -3.78
C PHE A 254 -1.75 14.83 -4.38
N GLY A 255 -0.88 15.83 -4.38
CA GLY A 255 -1.23 17.13 -4.92
C GLY A 255 -1.46 17.13 -6.43
C1 ZNE B . 1.62 0.67 6.86
N1 ZNE B . -2.83 11.14 4.56
O1 ZNE B . 2.46 1.31 5.84
S1 ZNE B . -3.90 12.36 2.62
C2 ZNE B . 2.45 0.26 8.14
O2 ZNE B . 0.86 -1.68 8.73
C3 ZNE B . 1.46 -0.42 9.25
O3 ZNE B . -5.98 10.55 2.67
C4 ZNE B . 0.25 0.52 9.62
C5 ZNE B . -0.53 1.09 8.38
C6 ZNE B . -1.90 1.08 8.28
C7 ZNE B . -2.82 1.54 7.23
C8 ZNE B . -4.01 2.04 7.37
C9 ZNE B . -4.75 2.27 8.79
C10 ZNE B . 0.46 1.67 7.24
C11 ZNE B . -5.17 3.86 9.05
C12 ZNE B . -5.81 4.58 7.73
C13 ZNE B . -5.20 4.06 6.25
C14 ZNE B . -4.86 2.48 6.20
C15 ZNE B . -4.25 2.34 4.61
C16 ZNE B . -5.09 3.44 3.86
C17 ZNE B . -6.11 4.08 4.96
C18 ZNE B . -3.71 5.02 6.35
C19 ZNE B . 0.33 2.95 6.63
C20 ZNE B . -6.59 5.72 4.94
C21 ZNE B . -7.43 5.22 3.63
C22 ZNE B . -5.76 6.79 4.19
C23 ZNE B . -6.42 8.15 4.35
C24 ZNE B . -5.54 9.16 4.80
C25 ZNE B . -5.14 10.25 3.79
C26 ZNE B . -3.96 11.11 3.81
C27 ZNE B . -1.97 12.12 4.21
C31 ZNE B . -2.36 12.93 3.14
#